data_8E07
#
_entry.id   8E07
#
_cell.length_a   59.536
_cell.length_b   76.195
_cell.length_c   124.965
_cell.angle_alpha   90.00
_cell.angle_beta   90.00
_cell.angle_gamma   90.00
#
_symmetry.space_group_name_H-M   'P 21 21 21'
#
loop_
_entity.id
_entity.type
_entity.pdbx_description
1 polymer 'Heparanase 50 kDa subunit'
2 polymer 'Heparanase 8 kDa subunit'
3 branched 2,3,4-tri-O-sulfo-beta-D-xylopyranose-(1-4)-2,3-di-O-sulfo-beta-D-xylopyranose-(1-4)-2,3-di-O-sulfo-beta-D-xylopyranose
4 non-polymer 'ACETATE ION'
5 non-polymer 'SULFATE ION'
6 non-polymer 'AMMONIUM ION'
7 water water
#
loop_
_entity_poly.entity_id
_entity_poly.type
_entity_poly.pdbx_seq_one_letter_code
_entity_poly.pdbx_strand_id
1 'polypeptide(L)'
;MKKFKNSTYSRSSVDVLYTFAKCSGLDLIFGLNALLRTSDGQWNSSNAQLLLDYCASKGYNIDWELGNEPNSFRKKAGIF
INGSQLGKDFIHLHKLLRKSTFKNAKLYGPDVGQPRGKTAKMLKSFLKAGGEVIDAVTWHHYYLNGRTATLEDFLNPDVL
DTFISQVQKVLQVVESTRPGKKVWLGETSSAYGGGAPGLSDTFAAGFMWLDKLGLSARMGIEVVMRQVFFGAGNYHLVDE
NFDPLPDYWLSLLFKKLVGTKVLMASVQGQDRRKLRVYLHCTNTDNPRYKEGDLTLYAINLHNVTKYLRLPYPFSNKQVD
QYLLRPHGPDGLLSKSVQLNGQTLKMVDDQTLPPLKPKPLRPGSSLGLPAFSYAFFVIRNAKVPACI
;
A
2 'polypeptide(L)'
;MGSSHHHHHHSQDPNSSSQDVVDLDFFTQEPLHLVSPSFLSVTIDANLATDPRFLILLGSPKLRTLARGLSPAYLRFGGT
KTDFLIFDPKKE
;
B
#
loop_
_chem_comp.id
_chem_comp.type
_chem_comp.name
_chem_comp.formula
ACT non-polymer 'ACETATE ION' 'C2 H3 O2 -1'
NH4 non-polymer 'AMMONIUM ION' 'H4 N 1'
SO4 non-polymer 'SULFATE ION' 'O4 S -2'
XY6 D-saccharide, beta linking 2,3-di-O-sulfo-beta-D-xylopyranose 'C5 H10 O11 S2'
XY9 D-saccharide, beta linking 2,3,4-tri-O-sulfo-beta-D-xylopyranose 'C5 H10 O14 S3'
#
# COMPACT_ATOMS: atom_id res chain seq x y z
N LYS A 3 -18.04 -14.33 20.48
CA LYS A 3 -17.08 -15.33 20.03
C LYS A 3 -15.66 -14.96 20.48
N PHE A 4 -14.87 -15.98 20.82
CA PHE A 4 -13.48 -15.79 21.19
C PHE A 4 -12.62 -15.66 19.93
N LYS A 5 -11.88 -14.55 19.83
CA LYS A 5 -11.07 -14.32 18.64
C LYS A 5 -9.87 -15.26 18.55
N ASN A 6 -9.48 -15.91 19.66
CA ASN A 6 -8.22 -16.64 19.68
C ASN A 6 -8.31 -17.95 18.91
N SER A 7 -7.36 -18.16 17.99
CA SER A 7 -7.30 -19.33 17.12
C SER A 7 -5.85 -19.75 17.00
N THR A 8 -5.62 -20.96 16.50
CA THR A 8 -4.27 -21.45 16.28
C THR A 8 -3.98 -21.58 14.78
N TYR A 9 -2.69 -21.59 14.44
CA TYR A 9 -2.26 -21.82 13.07
C TYR A 9 -1.06 -22.77 13.09
N SER A 10 -0.94 -23.54 12.00
CA SER A 10 0.00 -24.65 11.93
C SER A 10 1.27 -24.27 11.17
N ARG A 11 2.25 -25.18 11.23
CA ARG A 11 3.40 -25.12 10.36
C ARG A 11 2.99 -25.11 8.89
N SER A 12 1.99 -25.92 8.53
CA SER A 12 1.53 -25.91 7.13
C SER A 12 1.05 -24.54 6.71
N SER A 13 0.36 -23.82 7.60
CA SER A 13 -0.11 -22.47 7.29
C SER A 13 1.04 -21.52 7.05
N VAL A 14 2.05 -21.57 7.93
CA VAL A 14 3.26 -20.78 7.72
C VAL A 14 3.91 -21.14 6.38
N ASP A 15 4.02 -22.44 6.09
CA ASP A 15 4.65 -22.89 4.85
C ASP A 15 3.94 -22.33 3.62
N VAL A 16 2.60 -22.41 3.60
CA VAL A 16 1.90 -22.00 2.39
C VAL A 16 1.97 -20.48 2.21
N LEU A 17 1.97 -19.75 3.32
CA LEU A 17 2.09 -18.29 3.23
C LEU A 17 3.48 -17.90 2.74
N TYR A 18 4.52 -18.55 3.27
CA TYR A 18 5.87 -18.28 2.79
C TYR A 18 6.02 -18.67 1.33
N THR A 19 5.50 -19.84 0.95
CA THR A 19 5.61 -20.28 -0.44
C THR A 19 4.83 -19.38 -1.36
N PHE A 20 3.68 -18.88 -0.90
CA PHE A 20 2.92 -17.95 -1.73
C PHE A 20 3.72 -16.67 -1.96
N ALA A 21 4.33 -16.14 -0.91
CA ALA A 21 5.14 -14.94 -1.11
C ALA A 21 6.32 -15.24 -2.03
N LYS A 22 7.07 -16.29 -1.72
CA LYS A 22 8.30 -16.58 -2.46
C LYS A 22 8.03 -16.83 -3.93
N CYS A 23 7.01 -17.64 -4.24
CA CYS A 23 6.74 -17.97 -5.63
C CYS A 23 6.10 -16.84 -6.42
N SER A 24 5.64 -15.78 -5.75
CA SER A 24 5.12 -14.60 -6.43
C SER A 24 6.10 -13.44 -6.43
N GLY A 25 7.31 -13.63 -5.90
CA GLY A 25 8.30 -12.56 -5.86
C GLY A 25 8.01 -11.50 -4.82
N LEU A 26 7.38 -11.86 -3.72
CA LEU A 26 7.02 -10.92 -2.67
C LEU A 26 7.83 -11.23 -1.41
N ASP A 27 8.02 -10.21 -0.58
CA ASP A 27 8.78 -10.34 0.66
C ASP A 27 7.81 -10.35 1.83
N LEU A 28 7.77 -11.46 2.57
CA LEU A 28 6.80 -11.65 3.63
C LEU A 28 7.19 -10.90 4.90
N ILE A 29 6.22 -10.17 5.46
CA ILE A 29 6.29 -9.59 6.81
C ILE A 29 5.22 -10.26 7.66
N PHE A 30 5.60 -10.80 8.81
CA PHE A 30 4.69 -11.59 9.64
C PHE A 30 4.48 -10.89 10.98
N GLY A 31 3.24 -10.54 11.31
CA GLY A 31 2.94 -9.92 12.59
C GLY A 31 2.83 -10.92 13.73
N LEU A 32 3.62 -10.73 14.78
CA LEU A 32 3.57 -11.59 15.96
C LEU A 32 2.56 -11.08 16.99
N ASN A 33 2.11 -11.99 17.85
CA ASN A 33 1.05 -11.71 18.82
C ASN A 33 1.63 -10.96 20.04
N ALA A 34 1.27 -9.69 20.20
CA ALA A 34 1.77 -8.90 21.33
C ALA A 34 0.95 -9.04 22.60
N LEU A 35 -0.18 -9.75 22.55
CA LEU A 35 -1.07 -9.83 23.71
C LEU A 35 -0.84 -11.09 24.53
N LEU A 36 0.29 -11.77 24.32
CA LEU A 36 0.74 -12.81 25.22
C LEU A 36 1.62 -12.12 26.26
N ARG A 37 1.15 -12.05 27.51
CA ARG A 37 1.78 -11.21 28.53
C ARG A 37 2.14 -12.03 29.76
N THR A 38 3.22 -11.63 30.42
CA THR A 38 3.60 -12.24 31.70
C THR A 38 2.79 -11.61 32.82
N SER A 39 2.83 -12.25 34.00
CA SER A 39 2.15 -11.66 35.16
C SER A 39 2.78 -10.36 35.58
N ASP A 40 3.96 -10.03 35.04
CA ASP A 40 4.68 -8.80 35.34
C ASP A 40 4.48 -7.73 34.27
N GLY A 41 3.55 -7.92 33.35
CA GLY A 41 3.23 -6.91 32.35
C GLY A 41 4.14 -6.86 31.15
N GLN A 42 5.01 -7.85 30.97
CA GLN A 42 5.94 -7.89 29.85
C GLN A 42 5.36 -8.76 28.74
N TRP A 43 5.92 -8.60 27.55
CA TRP A 43 5.61 -9.54 26.47
C TRP A 43 6.17 -10.91 26.83
N ASN A 44 5.34 -11.95 26.71
CA ASN A 44 5.79 -13.33 26.85
C ASN A 44 6.16 -13.84 25.47
N SER A 45 7.47 -14.04 25.23
CA SER A 45 7.99 -14.40 23.92
C SER A 45 7.97 -15.89 23.64
N SER A 46 7.37 -16.71 24.52
CA SER A 46 7.50 -18.17 24.38
C SER A 46 6.94 -18.68 23.05
N ASN A 47 5.75 -18.21 22.67
CA ASN A 47 5.13 -18.69 21.44
C ASN A 47 5.90 -18.21 20.21
N ALA A 48 6.28 -16.92 20.20
CA ALA A 48 7.06 -16.40 19.08
C ALA A 48 8.37 -17.16 18.93
N GLN A 49 8.99 -17.52 20.04
CA GLN A 49 10.25 -18.25 19.96
C GLN A 49 10.07 -19.55 19.18
N LEU A 50 8.99 -20.29 19.46
CA LEU A 50 8.71 -21.50 18.70
C LEU A 50 8.62 -21.21 17.21
N LEU A 51 7.91 -20.14 16.84
CA LEU A 51 7.74 -19.84 15.43
C LEU A 51 9.05 -19.42 14.79
N LEU A 52 9.81 -18.54 15.44
CA LEU A 52 11.12 -18.12 14.93
C LEU A 52 12.02 -19.33 14.71
N ASP A 53 12.09 -20.21 15.72
CA ASP A 53 12.91 -21.41 15.59
C ASP A 53 12.48 -22.24 14.40
N TYR A 54 11.17 -22.42 14.20
CA TYR A 54 10.69 -23.18 13.06
C TYR A 54 11.08 -22.52 11.74
N CYS A 55 10.78 -21.23 11.60
CA CYS A 55 11.11 -20.54 10.35
C CYS A 55 12.61 -20.56 10.08
N ALA A 56 13.44 -20.39 11.12
CA ALA A 56 14.88 -20.41 10.92
C ALA A 56 15.35 -21.80 10.50
N SER A 57 14.80 -22.84 11.14
CA SER A 57 15.12 -24.20 10.74
C SER A 57 14.80 -24.44 9.27
N LYS A 58 13.71 -23.85 8.77
CA LYS A 58 13.31 -24.03 7.37
C LYS A 58 14.07 -23.13 6.41
N GLY A 59 14.89 -22.21 6.89
CA GLY A 59 15.59 -21.29 6.00
C GLY A 59 14.75 -20.16 5.45
N TYR A 60 13.63 -19.84 6.10
CA TYR A 60 12.73 -18.82 5.59
C TYR A 60 13.28 -17.43 5.86
N ASN A 61 13.28 -16.57 4.85
CA ASN A 61 13.65 -15.17 4.99
C ASN A 61 12.38 -14.36 5.22
N ILE A 62 12.12 -14.00 6.47
CA ILE A 62 10.88 -13.36 6.89
C ILE A 62 11.24 -12.15 7.74
N ASP A 63 10.56 -11.03 7.50
CA ASP A 63 10.63 -9.87 8.38
C ASP A 63 9.44 -9.90 9.35
N TRP A 64 9.57 -9.17 10.46
CA TRP A 64 8.66 -9.34 11.58
C TRP A 64 8.06 -8.02 12.04
N GLU A 65 6.84 -8.11 12.57
CA GLU A 65 6.21 -7.03 13.34
C GLU A 65 5.73 -7.65 14.64
N LEU A 66 5.33 -6.80 15.58
CA LEU A 66 4.87 -7.27 16.90
C LEU A 66 3.66 -6.43 17.29
N GLY A 67 2.48 -7.03 17.25
CA GLY A 67 1.26 -6.31 17.61
C GLY A 67 0.66 -5.54 16.44
N ASN A 68 -0.65 -5.35 16.52
CA ASN A 68 -1.41 -4.61 15.51
C ASN A 68 -2.28 -3.60 16.22
N GLU A 69 -2.18 -2.32 15.85
CA GLU A 69 -2.94 -1.23 16.45
C GLU A 69 -2.98 -1.36 17.98
N PRO A 70 -1.83 -1.23 18.65
CA PRO A 70 -1.83 -1.30 20.11
C PRO A 70 -2.63 -0.19 20.76
N ASN A 71 -2.93 0.89 20.01
CA ASN A 71 -3.77 1.95 20.53
C ASN A 71 -5.17 1.45 20.91
N SER A 72 -5.60 0.30 20.42
CA SER A 72 -6.94 -0.19 20.71
C SER A 72 -6.93 -1.46 21.56
N PHE A 73 -5.78 -1.81 22.16
CA PHE A 73 -5.70 -2.98 23.04
C PHE A 73 -6.65 -2.87 24.23
N ARG A 74 -6.80 -1.68 24.80
CA ARG A 74 -7.65 -1.52 25.96
C ARG A 74 -9.10 -1.87 25.61
N LYS A 75 -9.57 -1.43 24.44
CA LYS A 75 -10.93 -1.71 24.01
C LYS A 75 -11.09 -3.13 23.50
N LYS A 76 -10.13 -3.63 22.73
CA LYS A 76 -10.29 -4.94 22.11
C LYS A 76 -9.93 -6.08 23.04
N ALA A 77 -9.07 -5.86 24.04
CA ALA A 77 -8.57 -6.96 24.86
C ALA A 77 -8.61 -6.68 26.36
N GLY A 78 -9.13 -5.54 26.78
CA GLY A 78 -9.20 -5.20 28.18
C GLY A 78 -7.88 -4.99 28.87
N ILE A 79 -6.82 -4.69 28.13
CA ILE A 79 -5.50 -4.48 28.72
C ILE A 79 -4.87 -3.27 28.07
N PHE A 80 -4.16 -2.47 28.86
CA PHE A 80 -3.48 -1.29 28.35
C PHE A 80 -1.98 -1.51 28.43
N ILE A 81 -1.32 -1.41 27.28
CA ILE A 81 0.14 -1.49 27.19
C ILE A 81 0.63 -0.14 26.71
N ASN A 82 1.40 0.55 27.56
CA ASN A 82 1.81 1.88 27.13
C ASN A 82 2.98 1.80 26.16
N GLY A 83 3.31 2.94 25.56
CA GLY A 83 4.32 2.97 24.50
C GLY A 83 5.70 2.59 24.99
N SER A 84 6.05 3.01 26.21
CA SER A 84 7.35 2.63 26.77
C SER A 84 7.46 1.12 26.89
N GLN A 85 6.40 0.49 27.41
CA GLN A 85 6.44 -0.96 27.58
C GLN A 85 6.46 -1.68 26.23
N LEU A 86 5.66 -1.21 25.27
CA LEU A 86 5.71 -1.80 23.93
C LEU A 86 7.11 -1.68 23.36
N GLY A 87 7.80 -0.55 23.61
CA GLY A 87 9.16 -0.41 23.12
C GLY A 87 10.11 -1.43 23.72
N LYS A 88 9.98 -1.67 25.03
CA LYS A 88 10.78 -2.69 25.68
C LYS A 88 10.50 -4.07 25.11
N ASP A 89 9.23 -4.35 24.77
CA ASP A 89 8.90 -5.63 24.15
C ASP A 89 9.59 -5.77 22.79
N PHE A 90 9.58 -4.70 21.98
CA PHE A 90 10.27 -4.73 20.69
C PHE A 90 11.76 -4.98 20.86
N ILE A 91 12.37 -4.41 21.90
CA ILE A 91 13.79 -4.67 22.17
C ILE A 91 14.02 -6.14 22.46
N HIS A 92 13.12 -6.74 23.26
CA HIS A 92 13.23 -8.18 23.50
C HIS A 92 13.16 -8.96 22.20
N LEU A 93 12.19 -8.63 21.34
CA LEU A 93 12.07 -9.33 20.07
C LEU A 93 13.32 -9.12 19.23
N HIS A 94 13.86 -7.90 19.23
CA HIS A 94 15.07 -7.65 18.46
C HIS A 94 16.20 -8.58 18.89
N LYS A 95 16.37 -8.79 20.20
CA LYS A 95 17.41 -9.68 20.70
C LYS A 95 17.19 -11.10 20.21
N LEU A 96 15.94 -11.57 20.23
CA LEU A 96 15.65 -12.92 19.73
C LEU A 96 16.03 -13.06 18.27
N LEU A 97 15.75 -12.03 17.47
CA LEU A 97 16.10 -12.08 16.05
C LEU A 97 17.61 -12.10 15.85
N ARG A 98 18.34 -11.35 16.68
CA ARG A 98 19.80 -11.37 16.56
C ARG A 98 20.36 -12.75 16.91
N LYS A 99 19.76 -13.42 17.90
CA LYS A 99 20.24 -14.75 18.28
C LYS A 99 19.85 -15.83 17.29
N SER A 100 18.88 -15.57 16.41
CA SER A 100 18.43 -16.56 15.45
C SER A 100 19.48 -16.74 14.35
N THR A 101 19.23 -17.73 13.50
CA THR A 101 20.03 -17.93 12.31
C THR A 101 19.47 -17.17 11.11
N PHE A 102 18.53 -16.26 11.34
CA PHE A 102 18.08 -15.37 10.28
C PHE A 102 19.21 -14.42 9.92
N LYS A 103 19.51 -14.33 8.63
CA LYS A 103 20.51 -13.37 8.13
C LYS A 103 19.79 -12.04 7.87
N ASN A 104 19.91 -11.12 8.82
CA ASN A 104 19.43 -9.76 8.65
C ASN A 104 17.90 -9.69 8.55
N ALA A 105 17.22 -10.26 9.54
CA ALA A 105 15.78 -10.10 9.63
C ALA A 105 15.46 -8.68 10.09
N LYS A 106 14.49 -8.06 9.42
CA LYS A 106 14.10 -6.70 9.76
C LYS A 106 12.87 -6.73 10.66
N LEU A 107 12.70 -5.66 11.44
CA LEU A 107 11.66 -5.52 12.44
C LEU A 107 10.97 -4.19 12.23
N TYR A 108 9.64 -4.22 12.09
CA TYR A 108 8.86 -3.01 11.84
C TYR A 108 7.79 -2.86 12.92
N GLY A 109 7.43 -1.62 13.22
CA GLY A 109 6.41 -1.37 14.22
C GLY A 109 6.13 0.11 14.37
N PRO A 110 5.13 0.47 15.18
CA PRO A 110 4.28 -0.38 16.03
C PRO A 110 2.89 -0.64 15.44
N ASP A 111 2.71 -0.26 14.18
CA ASP A 111 1.45 -0.50 13.47
C ASP A 111 0.28 0.16 14.19
N VAL A 112 0.49 1.42 14.58
CA VAL A 112 -0.51 2.19 15.31
C VAL A 112 -1.55 2.74 14.34
N GLY A 113 -2.77 2.92 14.84
CA GLY A 113 -3.79 3.58 14.07
C GLY A 113 -3.49 5.05 13.85
N GLN A 114 -4.20 5.64 12.90
CA GLN A 114 -3.93 7.02 12.53
C GLN A 114 -4.21 7.96 13.70
N PRO A 115 -3.54 9.10 13.76
CA PRO A 115 -3.70 9.99 14.93
C PRO A 115 -5.10 10.59 15.05
N ARG A 116 -5.80 10.77 13.94
CA ARG A 116 -7.10 11.43 13.95
C ARG A 116 -6.94 12.90 14.31
N GLY A 117 -7.89 13.46 15.07
CA GLY A 117 -7.73 14.82 15.55
C GLY A 117 -6.76 14.95 16.70
N LYS A 118 -6.41 13.84 17.34
CA LYS A 118 -5.58 13.85 18.53
C LYS A 118 -4.10 13.88 18.16
N THR A 119 -3.24 13.61 19.14
CA THR A 119 -1.79 13.56 18.95
C THR A 119 -1.30 12.15 19.23
N ALA A 120 -0.28 11.73 18.47
CA ALA A 120 0.23 10.36 18.56
C ALA A 120 1.18 10.24 19.75
N LYS A 121 0.58 10.34 20.94
CA LYS A 121 1.37 10.25 22.17
C LYS A 121 1.96 8.85 22.34
N MET A 122 1.19 7.81 22.04
CA MET A 122 1.70 6.45 22.18
C MET A 122 2.80 6.19 21.16
N LEU A 123 2.65 6.70 19.93
CA LEU A 123 3.73 6.54 18.97
C LEU A 123 5.01 7.19 19.47
N LYS A 124 4.91 8.39 20.03
CA LYS A 124 6.10 9.09 20.50
C LYS A 124 6.79 8.31 21.61
N SER A 125 6.04 7.88 22.64
CA SER A 125 6.69 7.15 23.72
C SER A 125 7.28 5.83 23.21
N PHE A 126 6.61 5.20 22.24
CA PHE A 126 7.14 3.97 21.68
C PHE A 126 8.48 4.23 20.99
N LEU A 127 8.55 5.30 20.21
CA LEU A 127 9.78 5.57 19.47
C LEU A 127 10.90 5.98 20.40
N LYS A 128 10.60 6.71 21.48
CA LYS A 128 11.63 7.03 22.45
C LYS A 128 12.21 5.77 23.06
N ALA A 129 11.36 4.79 23.38
CA ALA A 129 11.83 3.61 24.09
C ALA A 129 12.38 2.54 23.16
N GLY A 130 11.75 2.33 22.00
CA GLY A 130 12.14 1.19 21.17
C GLY A 130 12.50 1.53 19.74
N GLY A 131 12.51 2.81 19.40
CA GLY A 131 12.75 3.19 18.02
C GLY A 131 14.10 2.77 17.48
N GLU A 132 15.08 2.53 18.35
CA GLU A 132 16.40 2.19 17.83
CA GLU A 132 16.41 2.18 17.87
C GLU A 132 16.43 0.82 17.19
N VAL A 133 15.52 -0.09 17.57
CA VAL A 133 15.55 -1.45 17.03
C VAL A 133 14.62 -1.67 15.84
N ILE A 134 13.81 -0.69 15.45
CA ILE A 134 12.94 -0.90 14.29
C ILE A 134 13.56 -0.29 13.04
N ASP A 135 13.34 -0.94 11.91
CA ASP A 135 13.90 -0.52 10.63
C ASP A 135 12.99 0.40 9.85
N ALA A 136 11.72 0.50 10.24
CA ALA A 136 10.78 1.46 9.68
C ALA A 136 9.60 1.57 10.63
N VAL A 137 9.02 2.78 10.71
CA VAL A 137 7.85 3.04 11.53
C VAL A 137 6.59 2.75 10.73
N THR A 138 5.71 1.90 11.26
CA THR A 138 4.47 1.59 10.56
C THR A 138 3.28 2.22 11.27
N TRP A 139 2.37 2.78 10.47
CA TRP A 139 1.09 3.28 10.95
C TRP A 139 0.02 2.96 9.90
N HIS A 140 -1.23 3.11 10.30
CA HIS A 140 -2.37 2.69 9.49
C HIS A 140 -3.24 3.88 9.14
N HIS A 141 -3.97 3.79 8.03
CA HIS A 141 -4.89 4.88 7.68
C HIS A 141 -6.05 4.38 6.85
N TYR A 142 -7.25 4.85 7.19
CA TYR A 142 -8.45 4.76 6.38
C TYR A 142 -9.13 6.13 6.36
N TYR A 143 -9.80 6.45 5.25
CA TYR A 143 -10.44 7.77 5.15
C TYR A 143 -11.75 7.84 5.92
N LEU A 144 -12.55 6.77 5.89
CA LEU A 144 -13.97 6.80 6.21
C LEU A 144 -14.40 5.50 6.84
N ASN A 145 -15.56 5.54 7.50
CA ASN A 145 -16.21 4.34 8.02
C ASN A 145 -16.91 3.63 6.88
N GLY A 146 -16.57 2.37 6.64
CA GLY A 146 -17.17 1.66 5.53
C GLY A 146 -18.68 1.54 5.66
N ARG A 147 -19.21 1.65 6.89
CA ARG A 147 -20.63 1.46 7.09
C ARG A 147 -21.45 2.66 6.62
N THR A 148 -20.86 3.84 6.53
CA THR A 148 -21.60 5.05 6.19
C THR A 148 -21.06 5.79 4.97
N ALA A 149 -19.97 5.32 4.37
CA ALA A 149 -19.40 6.04 3.23
C ALA A 149 -20.35 5.99 2.03
N THR A 150 -20.33 7.05 1.23
CA THR A 150 -21.14 7.16 0.03
C THR A 150 -20.24 7.46 -1.16
N LEU A 151 -20.77 7.21 -2.36
CA LEU A 151 -20.04 7.58 -3.59
C LEU A 151 -19.55 9.02 -3.54
N GLU A 152 -20.42 9.93 -3.07
CA GLU A 152 -20.02 11.33 -2.99
C GLU A 152 -18.73 11.50 -2.21
N ASP A 153 -18.60 10.78 -1.08
CA ASP A 153 -17.39 10.87 -0.26
C ASP A 153 -16.16 10.40 -1.04
N PHE A 154 -16.31 9.31 -1.81
CA PHE A 154 -15.19 8.77 -2.58
C PHE A 154 -14.74 9.70 -3.70
N LEU A 155 -15.56 10.69 -4.07
CA LEU A 155 -15.22 11.62 -5.13
C LEU A 155 -14.87 13.00 -4.59
N ASN A 156 -14.80 13.16 -3.27
CA ASN A 156 -14.77 14.47 -2.64
C ASN A 156 -13.33 14.88 -2.37
N PRO A 157 -12.82 15.93 -2.99
CA PRO A 157 -11.43 16.33 -2.71
C PRO A 157 -11.20 16.74 -1.27
N ASP A 158 -12.22 17.24 -0.56
CA ASP A 158 -12.04 17.51 0.88
C ASP A 158 -11.73 16.23 1.65
N VAL A 159 -12.40 15.14 1.31
CA VAL A 159 -12.10 13.85 1.96
C VAL A 159 -10.67 13.43 1.64
N LEU A 160 -10.29 13.48 0.36
CA LEU A 160 -8.92 13.16 -0.03
C LEU A 160 -7.91 13.97 0.75
N ASP A 161 -8.17 15.28 0.89
CA ASP A 161 -7.20 16.14 1.56
C ASP A 161 -7.03 15.84 3.05
N THR A 162 -8.00 15.17 3.71
CA THR A 162 -7.83 14.86 5.12
C THR A 162 -6.59 14.00 5.37
N PHE A 163 -6.16 13.24 4.36
CA PHE A 163 -4.98 12.39 4.51
C PHE A 163 -3.72 13.22 4.75
N ILE A 164 -3.64 14.43 4.17
CA ILE A 164 -2.45 15.26 4.31
C ILE A 164 -2.14 15.52 5.77
N SER A 165 -3.14 15.90 6.56
CA SER A 165 -2.93 16.25 7.96
C SER A 165 -2.53 15.04 8.79
N GLN A 166 -3.06 13.86 8.44
CA GLN A 166 -2.68 12.65 9.15
C GLN A 166 -1.21 12.32 8.91
N VAL A 167 -0.76 12.46 7.67
CA VAL A 167 0.64 12.21 7.34
C VAL A 167 1.53 13.18 8.10
N GLN A 168 1.19 14.47 8.06
CA GLN A 168 2.02 15.48 8.71
C GLN A 168 2.15 15.19 10.21
N LYS A 169 1.06 14.77 10.85
CA LYS A 169 1.11 14.51 12.30
C LYS A 169 2.05 13.37 12.63
N VAL A 170 1.96 12.26 11.88
CA VAL A 170 2.87 11.14 12.11
C VAL A 170 4.32 11.56 11.84
N LEU A 171 4.58 12.20 10.70
CA LEU A 171 5.96 12.57 10.37
C LEU A 171 6.56 13.49 11.43
N GLN A 172 5.77 14.44 11.94
CA GLN A 172 6.28 15.33 12.98
C GLN A 172 6.70 14.54 14.22
N VAL A 173 5.91 13.54 14.61
CA VAL A 173 6.29 12.73 15.77
C VAL A 173 7.59 11.99 15.51
N VAL A 174 7.74 11.42 14.31
CA VAL A 174 8.95 10.66 13.99
C VAL A 174 10.15 11.58 13.90
N GLU A 175 9.97 12.78 13.32
CA GLU A 175 11.06 13.74 13.21
C GLU A 175 11.58 14.15 14.58
N SER A 176 10.68 14.26 15.57
CA SER A 176 11.06 14.72 16.89
C SER A 176 11.70 13.65 17.76
N THR A 177 11.61 12.38 17.36
CA THR A 177 12.17 11.29 18.17
C THR A 177 13.23 10.49 17.45
N ARG A 178 13.07 10.24 16.14
CA ARG A 178 13.99 9.43 15.36
C ARG A 178 14.13 10.05 13.98
N PRO A 179 14.83 11.18 13.89
CA PRO A 179 14.88 11.90 12.60
C PRO A 179 15.47 11.04 11.49
N GLY A 180 14.83 11.08 10.33
CA GLY A 180 15.29 10.29 9.21
C GLY A 180 15.00 8.81 9.27
N LYS A 181 14.34 8.33 10.33
CA LYS A 181 13.82 6.98 10.31
C LYS A 181 12.75 6.84 9.24
N LYS A 182 12.77 5.73 8.51
CA LYS A 182 11.80 5.53 7.43
C LYS A 182 10.40 5.34 7.99
N VAL A 183 9.41 5.84 7.26
CA VAL A 183 8.02 5.81 7.68
C VAL A 183 7.20 5.10 6.61
N TRP A 184 6.41 4.10 7.03
CA TRP A 184 5.64 3.24 6.16
C TRP A 184 4.18 3.27 6.56
N LEU A 185 3.27 3.27 5.58
CA LEU A 185 1.88 2.93 5.86
C LEU A 185 1.77 1.41 5.89
N GLY A 186 1.61 0.84 7.08
CA GLY A 186 1.65 -0.61 7.22
C GLY A 186 0.35 -1.34 6.96
N GLU A 187 -0.74 -0.61 6.76
CA GLU A 187 -2.06 -1.18 6.51
C GLU A 187 -2.99 -0.02 6.15
N THR A 188 -3.50 0.01 4.93
CA THR A 188 -4.24 1.23 4.59
C THR A 188 -5.22 0.96 3.46
N SER A 189 -6.36 1.66 3.47
CA SER A 189 -7.30 1.52 2.36
C SER A 189 -8.32 2.65 2.43
N SER A 190 -9.41 2.49 1.70
CA SER A 190 -10.41 3.56 1.57
C SER A 190 -11.22 3.72 2.85
N ALA A 191 -11.77 2.61 3.37
CA ALA A 191 -12.74 2.68 4.45
C ALA A 191 -12.57 1.50 5.39
N TYR A 192 -12.66 1.76 6.69
CA TYR A 192 -12.47 0.70 7.67
C TYR A 192 -13.76 -0.09 7.88
N GLY A 193 -13.69 -1.12 8.72
CA GLY A 193 -14.82 -2.01 8.88
C GLY A 193 -15.03 -2.91 7.69
N GLY A 194 -13.98 -3.24 6.96
CA GLY A 194 -14.08 -4.13 5.83
C GLY A 194 -14.32 -3.44 4.51
N GLY A 195 -14.27 -2.12 4.46
CA GLY A 195 -14.55 -1.40 3.24
C GLY A 195 -16.03 -1.11 3.07
N ALA A 196 -16.31 -0.21 2.14
CA ALA A 196 -17.68 0.20 1.85
C ALA A 196 -18.29 -0.74 0.82
N PRO A 197 -19.37 -1.45 1.16
CA PRO A 197 -19.95 -2.39 0.19
C PRO A 197 -20.37 -1.69 -1.10
N GLY A 198 -20.09 -2.34 -2.23
CA GLY A 198 -20.46 -1.79 -3.52
C GLY A 198 -19.78 -0.47 -3.84
N LEU A 199 -18.70 -0.16 -3.14
CA LEU A 199 -17.98 1.09 -3.33
C LEU A 199 -16.49 0.84 -3.32
N SER A 200 -15.99 0.22 -2.26
CA SER A 200 -14.54 0.00 -2.12
C SER A 200 -14.00 -0.99 -3.13
N ASP A 201 -14.86 -1.72 -3.83
CA ASP A 201 -14.42 -2.67 -4.85
C ASP A 201 -14.75 -2.20 -6.26
N THR A 202 -14.89 -0.91 -6.48
CA THR A 202 -15.35 -0.37 -7.75
C THR A 202 -14.31 0.58 -8.35
N PHE A 203 -14.54 0.95 -9.61
CA PHE A 203 -13.71 1.97 -10.23
C PHE A 203 -13.59 3.20 -9.35
N ALA A 204 -14.68 3.60 -8.69
CA ALA A 204 -14.67 4.82 -7.89
C ALA A 204 -13.69 4.75 -6.72
N ALA A 205 -13.33 3.53 -6.29
CA ALA A 205 -12.35 3.41 -5.21
C ALA A 205 -10.97 3.90 -5.65
N GLY A 206 -10.75 3.99 -6.96
CA GLY A 206 -9.43 4.31 -7.49
C GLY A 206 -8.94 5.71 -7.17
N PHE A 207 -9.84 6.67 -6.96
CA PHE A 207 -9.38 8.03 -6.69
C PHE A 207 -8.65 8.08 -5.36
N MET A 208 -9.23 7.48 -4.32
CA MET A 208 -8.58 7.42 -3.02
C MET A 208 -7.27 6.65 -3.10
N TRP A 209 -7.23 5.57 -3.89
CA TRP A 209 -6.02 4.75 -3.88
C TRP A 209 -4.88 5.46 -4.62
N LEU A 210 -5.15 5.97 -5.83
CA LEU A 210 -4.09 6.66 -6.58
C LEU A 210 -3.66 7.93 -5.87
N ASP A 211 -4.61 8.68 -5.31
CA ASP A 211 -4.25 9.92 -4.64
C ASP A 211 -3.42 9.65 -3.40
N LYS A 212 -3.74 8.58 -2.66
CA LYS A 212 -2.95 8.24 -1.49
C LYS A 212 -1.51 7.90 -1.89
N LEU A 213 -1.34 7.19 -3.01
CA LEU A 213 0.01 6.85 -3.44
C LEU A 213 0.77 8.11 -3.82
N GLY A 214 0.12 8.98 -4.58
CA GLY A 214 0.76 10.22 -4.99
C GLY A 214 1.19 11.08 -3.80
N LEU A 215 0.29 11.28 -2.84
CA LEU A 215 0.63 12.11 -1.68
C LEU A 215 1.64 11.43 -0.78
N SER A 216 1.53 10.11 -0.60
CA SER A 216 2.53 9.41 0.21
C SER A 216 3.92 9.57 -0.39
N ALA A 217 4.05 9.40 -1.70
CA ALA A 217 5.36 9.55 -2.33
C ALA A 217 5.87 10.97 -2.16
N ARG A 218 4.98 11.96 -2.29
N ARG A 218 4.99 11.96 -2.33
CA ARG A 218 5.43 13.34 -2.29
CA ARG A 218 5.39 13.36 -2.28
C ARG A 218 5.79 13.83 -0.89
C ARG A 218 5.87 13.76 -0.89
N MET A 219 5.29 13.18 0.16
N MET A 219 5.24 13.22 0.16
CA MET A 219 5.44 13.67 1.52
CA MET A 219 5.48 13.70 1.51
C MET A 219 6.37 12.81 2.37
C MET A 219 6.58 12.98 2.26
N GLY A 220 7.04 11.84 1.76
CA GLY A 220 8.12 11.12 2.42
C GLY A 220 7.75 9.78 3.03
N ILE A 221 6.61 9.19 2.67
CA ILE A 221 6.31 7.80 3.03
C ILE A 221 7.03 6.89 2.03
N GLU A 222 7.74 5.88 2.53
CA GLU A 222 8.60 5.09 1.66
C GLU A 222 7.90 3.85 1.10
N VAL A 223 6.94 3.31 1.84
CA VAL A 223 6.21 2.09 1.45
C VAL A 223 4.77 2.27 1.87
N VAL A 224 3.83 1.82 1.03
CA VAL A 224 2.40 1.88 1.31
C VAL A 224 1.82 0.47 1.13
N MET A 225 1.27 -0.10 2.20
CA MET A 225 0.78 -1.49 2.17
C MET A 225 -0.74 -1.51 2.08
N ARG A 226 -1.25 -1.92 0.91
CA ARG A 226 -2.69 -1.88 0.63
C ARG A 226 -3.44 -3.01 1.34
N GLN A 227 -4.41 -2.65 2.17
CA GLN A 227 -5.39 -3.58 2.74
C GLN A 227 -6.53 -3.73 1.72
N VAL A 228 -6.74 -4.93 1.13
CA VAL A 228 -5.92 -6.18 1.18
C VAL A 228 -5.66 -6.61 -0.26
N PHE A 229 -4.62 -7.44 -0.48
CA PHE A 229 -4.48 -8.04 -1.80
C PHE A 229 -5.63 -9.00 -2.08
N PHE A 230 -5.96 -9.85 -1.11
CA PHE A 230 -6.95 -10.90 -1.32
C PHE A 230 -7.60 -11.21 0.03
N GLY A 231 -8.91 -11.39 0.01
CA GLY A 231 -9.65 -11.62 1.23
C GLY A 231 -11.11 -11.30 0.99
N ALA A 232 -11.87 -11.29 2.10
CA ALA A 232 -13.30 -11.08 2.04
C ALA A 232 -13.71 -9.61 2.13
N GLY A 233 -12.83 -8.74 2.62
CA GLY A 233 -13.19 -7.33 2.72
C GLY A 233 -13.43 -6.69 1.36
N ASN A 234 -14.38 -5.74 1.34
CA ASN A 234 -14.80 -5.07 0.10
C ASN A 234 -13.66 -4.28 -0.54
N TYR A 235 -12.61 -3.98 0.20
CA TYR A 235 -11.46 -3.26 -0.35
C TYR A 235 -10.39 -4.20 -0.91
N HIS A 236 -10.72 -5.47 -1.12
CA HIS A 236 -9.75 -6.37 -1.72
C HIS A 236 -9.40 -5.97 -3.15
N LEU A 237 -8.13 -6.19 -3.51
CA LEU A 237 -7.72 -6.04 -4.91
C LEU A 237 -8.21 -7.21 -5.75
N VAL A 238 -8.38 -8.38 -5.13
CA VAL A 238 -8.78 -9.62 -5.79
C VAL A 238 -9.81 -10.28 -4.88
N ASP A 239 -10.95 -10.69 -5.46
CA ASP A 239 -12.00 -11.27 -4.63
C ASP A 239 -11.76 -12.77 -4.48
N GLU A 240 -12.62 -13.45 -3.72
CA GLU A 240 -12.33 -14.86 -3.42
C GLU A 240 -12.75 -15.81 -4.54
N ASN A 241 -13.31 -15.29 -5.64
CA ASN A 241 -13.33 -16.02 -6.90
C ASN A 241 -12.07 -15.79 -7.71
N PHE A 242 -11.12 -15.03 -7.18
CA PHE A 242 -9.82 -14.78 -7.80
C PHE A 242 -9.94 -13.84 -9.00
N ASP A 243 -10.96 -12.98 -9.00
CA ASP A 243 -11.16 -11.98 -10.05
C ASP A 243 -10.61 -10.64 -9.60
N PRO A 244 -9.75 -10.01 -10.38
CA PRO A 244 -9.18 -8.71 -9.97
C PRO A 244 -10.20 -7.59 -10.11
N LEU A 245 -10.22 -6.72 -9.12
CA LEU A 245 -11.06 -5.53 -9.12
C LEU A 245 -10.34 -4.39 -9.81
N PRO A 246 -11.03 -3.29 -10.08
CA PRO A 246 -10.37 -2.20 -10.82
C PRO A 246 -9.11 -1.71 -10.14
N ASP A 247 -9.10 -1.68 -8.81
CA ASP A 247 -7.91 -1.24 -8.10
C ASP A 247 -6.72 -2.19 -8.33
N TYR A 248 -6.97 -3.47 -8.64
CA TYR A 248 -5.84 -4.31 -9.02
C TYR A 248 -5.18 -3.78 -10.27
N TRP A 249 -5.96 -3.48 -11.30
CA TRP A 249 -5.37 -3.03 -12.56
C TRP A 249 -4.71 -1.67 -12.41
N LEU A 250 -5.30 -0.78 -11.61
CA LEU A 250 -4.66 0.48 -11.27
C LEU A 250 -3.30 0.24 -10.63
N SER A 251 -3.23 -0.72 -9.70
CA SER A 251 -1.98 -1.01 -9.01
C SER A 251 -0.97 -1.63 -9.96
N LEU A 252 -1.42 -2.50 -10.87
CA LEU A 252 -0.51 -3.11 -11.83
C LEU A 252 0.12 -2.04 -12.73
N LEU A 253 -0.71 -1.13 -13.23
CA LEU A 253 -0.19 -0.06 -14.08
C LEU A 253 0.75 0.84 -13.30
N PHE A 254 0.40 1.18 -12.05
CA PHE A 254 1.32 1.93 -11.19
C PHE A 254 2.66 1.22 -11.07
N LYS A 255 2.62 -0.09 -10.71
CA LYS A 255 3.85 -0.87 -10.60
C LYS A 255 4.68 -0.79 -11.86
N LYS A 256 4.06 -0.88 -13.03
CA LYS A 256 4.82 -0.96 -14.27
C LYS A 256 5.37 0.40 -14.71
N LEU A 257 4.73 1.49 -14.32
CA LEU A 257 5.01 2.78 -14.94
C LEU A 257 5.71 3.78 -14.04
N VAL A 258 5.53 3.70 -12.73
CA VAL A 258 5.94 4.77 -11.81
C VAL A 258 7.25 4.35 -11.14
N GLY A 259 8.29 5.19 -11.27
CA GLY A 259 9.60 4.89 -10.74
C GLY A 259 9.78 5.36 -9.29
N THR A 260 11.00 5.16 -8.78
CA THR A 260 11.30 5.42 -7.38
C THR A 260 11.61 6.88 -7.08
N LYS A 261 12.05 7.65 -8.08
CA LYS A 261 12.40 9.06 -7.86
C LYS A 261 11.14 9.91 -7.95
N VAL A 262 10.80 10.60 -6.85
CA VAL A 262 9.60 11.40 -6.77
C VAL A 262 9.94 12.84 -7.18
N LEU A 263 9.25 13.35 -8.19
CA LEU A 263 9.38 14.74 -8.65
C LEU A 263 8.15 15.52 -8.22
N MET A 264 7.88 16.67 -8.85
N MET A 264 7.86 16.62 -8.91
CA MET A 264 6.70 17.42 -8.48
CA MET A 264 6.80 17.54 -8.50
C MET A 264 6.03 18.04 -9.68
C MET A 264 6.04 18.07 -9.72
N ALA A 265 4.71 18.03 -9.66
CA ALA A 265 3.87 18.64 -10.68
C ALA A 265 2.76 19.42 -9.98
N SER A 266 2.34 20.52 -10.60
CA SER A 266 1.24 21.29 -10.05
C SER A 266 0.55 22.04 -11.18
N VAL A 267 -0.70 22.45 -10.92
CA VAL A 267 -1.46 23.25 -11.89
C VAL A 267 -1.15 24.71 -11.67
N GLN A 268 -1.03 25.46 -12.78
CA GLN A 268 -0.72 26.88 -12.68
C GLN A 268 -1.90 27.68 -12.13
N GLY A 269 -3.10 27.41 -12.63
CA GLY A 269 -4.24 28.24 -12.29
C GLY A 269 -4.67 28.14 -10.84
N GLN A 270 -5.88 28.63 -10.55
CA GLN A 270 -6.47 28.38 -9.25
C GLN A 270 -6.54 26.88 -9.01
N ASP A 271 -6.29 26.46 -7.78
CA ASP A 271 -6.32 25.05 -7.43
C ASP A 271 -7.62 24.76 -6.68
N ARG A 272 -8.60 24.20 -7.39
CA ARG A 272 -9.81 23.71 -6.76
C ARG A 272 -9.64 22.32 -6.15
N ARG A 273 -8.48 21.69 -6.34
CA ARG A 273 -8.11 20.40 -5.76
C ARG A 273 -8.86 19.24 -6.37
N LYS A 274 -9.61 19.46 -7.46
CA LYS A 274 -10.23 18.36 -8.20
C LYS A 274 -9.35 17.84 -9.33
N LEU A 275 -8.34 18.60 -9.72
CA LEU A 275 -7.37 18.19 -10.73
C LEU A 275 -6.06 17.97 -9.98
N ARG A 276 -5.68 16.71 -9.78
CA ARG A 276 -4.58 16.36 -8.90
C ARG A 276 -3.50 15.65 -9.70
N VAL A 277 -2.27 16.15 -9.65
CA VAL A 277 -1.21 15.69 -10.54
C VAL A 277 0.04 15.30 -9.74
N TYR A 278 0.68 14.23 -10.17
CA TYR A 278 1.88 13.68 -9.53
C TYR A 278 2.85 13.30 -10.63
N LEU A 279 4.14 13.29 -10.28
CA LEU A 279 5.18 13.13 -11.29
C LEU A 279 6.37 12.40 -10.67
N HIS A 280 6.75 11.26 -11.24
CA HIS A 280 7.96 10.53 -10.88
C HIS A 280 8.76 10.29 -12.15
N CYS A 281 10.00 9.86 -11.99
CA CYS A 281 10.68 9.26 -13.12
C CYS A 281 9.96 7.97 -13.48
N THR A 282 10.04 7.61 -14.75
CA THR A 282 9.46 6.35 -15.22
C THR A 282 10.21 5.15 -14.64
N ASN A 283 9.45 4.10 -14.29
CA ASN A 283 10.06 2.88 -13.79
C ASN A 283 11.05 2.32 -14.80
N THR A 284 12.32 2.24 -14.39
CA THR A 284 13.36 1.86 -15.33
C THR A 284 13.28 0.39 -15.71
N ASP A 285 12.66 -0.43 -14.86
CA ASP A 285 12.46 -1.85 -15.18
C ASP A 285 11.52 -2.06 -16.36
N ASN A 286 10.79 -1.04 -16.79
CA ASN A 286 9.85 -1.19 -17.90
C ASN A 286 10.61 -1.24 -19.22
N PRO A 287 10.58 -2.35 -19.95
CA PRO A 287 11.36 -2.44 -21.19
C PRO A 287 10.97 -1.44 -22.26
N ARG A 288 9.77 -0.85 -22.19
CA ARG A 288 9.36 0.11 -23.20
C ARG A 288 10.11 1.43 -23.10
N TYR A 289 10.68 1.75 -21.94
CA TYR A 289 11.13 3.11 -21.68
C TYR A 289 12.58 3.12 -21.22
N LYS A 290 13.15 4.32 -21.12
CA LYS A 290 14.59 4.48 -20.91
C LYS A 290 14.83 5.57 -19.88
N GLU A 291 16.05 5.56 -19.33
CA GLU A 291 16.42 6.56 -18.35
C GLU A 291 16.15 7.96 -18.87
N GLY A 292 15.56 8.80 -18.02
CA GLY A 292 15.19 10.13 -18.40
C GLY A 292 13.70 10.33 -18.65
N ASP A 293 12.97 9.26 -18.95
CA ASP A 293 11.53 9.38 -19.17
C ASP A 293 10.83 9.73 -17.86
N LEU A 294 9.67 10.40 -17.99
CA LEU A 294 8.86 10.84 -16.86
C LEU A 294 7.51 10.15 -16.90
N THR A 295 6.97 9.78 -15.74
CA THR A 295 5.59 9.33 -15.65
C THR A 295 4.77 10.34 -14.86
N LEU A 296 3.84 11.00 -15.55
CA LEU A 296 2.85 11.86 -14.92
C LEU A 296 1.62 11.01 -14.64
N TYR A 297 1.05 11.12 -13.44
CA TYR A 297 -0.27 10.54 -13.22
C TYR A 297 -1.21 11.59 -12.66
N ALA A 298 -2.48 11.45 -12.98
CA ALA A 298 -3.40 12.54 -12.74
C ALA A 298 -4.80 12.03 -12.48
N ILE A 299 -5.51 12.78 -11.64
CA ILE A 299 -6.89 12.52 -11.26
C ILE A 299 -7.72 13.73 -11.65
N ASN A 300 -8.87 13.49 -12.26
CA ASN A 300 -9.82 14.55 -12.61
C ASN A 300 -11.15 14.26 -11.91
N LEU A 301 -11.42 14.99 -10.85
CA LEU A 301 -12.68 14.86 -10.12
C LEU A 301 -13.70 15.91 -10.54
N HIS A 302 -13.41 16.69 -11.57
CA HIS A 302 -14.43 17.54 -12.15
C HIS A 302 -15.46 16.71 -12.88
N ASN A 303 -16.66 17.27 -13.04
CA ASN A 303 -17.69 16.61 -13.83
C ASN A 303 -17.61 16.96 -15.32
N VAL A 304 -16.46 17.45 -15.80
CA VAL A 304 -16.24 17.74 -17.22
C VAL A 304 -14.78 17.45 -17.54
N THR A 305 -14.52 17.22 -18.82
CA THR A 305 -13.16 16.94 -19.29
C THR A 305 -12.23 18.13 -19.07
N LYS A 306 -11.01 17.84 -18.62
CA LYS A 306 -9.96 18.85 -18.53
C LYS A 306 -8.81 18.45 -19.44
N TYR A 307 -8.10 19.46 -19.97
CA TYR A 307 -7.01 19.25 -20.92
C TYR A 307 -5.73 19.80 -20.31
N LEU A 308 -4.73 18.95 -20.12
CA LEU A 308 -3.48 19.33 -19.49
C LEU A 308 -2.45 19.69 -20.54
N ARG A 309 -1.82 20.86 -20.38
CA ARG A 309 -0.73 21.28 -21.26
C ARG A 309 0.58 21.09 -20.53
N LEU A 310 1.49 20.35 -21.14
CA LEU A 310 2.79 20.11 -20.53
C LEU A 310 3.66 21.35 -20.66
N PRO A 311 4.51 21.64 -19.67
CA PRO A 311 5.43 22.76 -19.80
C PRO A 311 6.54 22.45 -20.80
N TYR A 312 7.04 23.50 -21.44
CA TYR A 312 8.23 23.36 -22.27
C TYR A 312 9.38 22.85 -21.40
N PRO A 313 10.24 21.96 -21.93
CA PRO A 313 10.31 21.40 -23.28
C PRO A 313 9.55 20.08 -23.45
N PHE A 314 8.78 19.71 -22.42
CA PHE A 314 8.09 18.43 -22.47
C PHE A 314 6.88 18.47 -23.39
N SER A 315 6.25 19.63 -23.55
CA SER A 315 5.39 19.80 -24.72
C SER A 315 6.19 19.41 -25.96
N ASN A 316 5.50 18.93 -26.98
CA ASN A 316 6.16 18.48 -28.19
C ASN A 316 7.06 17.25 -27.97
N LYS A 317 6.97 16.61 -26.81
CA LYS A 317 7.53 15.27 -26.65
C LYS A 317 6.47 14.23 -26.99
N GLN A 318 6.92 13.04 -27.40
CA GLN A 318 6.00 11.92 -27.58
C GLN A 318 5.50 11.45 -26.21
N VAL A 319 4.18 11.32 -26.07
CA VAL A 319 3.55 10.90 -24.82
C VAL A 319 2.77 9.61 -25.05
N ASP A 320 2.90 8.67 -24.10
CA ASP A 320 2.12 7.44 -24.09
C ASP A 320 1.01 7.57 -23.06
N GLN A 321 -0.23 7.42 -23.50
CA GLN A 321 -1.39 7.54 -22.62
C GLN A 321 -1.83 6.19 -22.09
N TYR A 322 -2.10 6.12 -20.78
CA TYR A 322 -2.72 4.97 -20.13
C TYR A 322 -3.92 5.51 -19.36
N LEU A 323 -5.06 5.59 -20.02
CA LEU A 323 -6.27 6.19 -19.46
C LEU A 323 -7.22 5.10 -18.98
N LEU A 324 -7.65 5.20 -17.73
CA LEU A 324 -8.55 4.22 -17.12
C LEU A 324 -9.96 4.79 -17.01
N ARG A 325 -10.94 4.04 -17.50
CA ARG A 325 -12.34 4.42 -17.41
C ARG A 325 -13.16 3.19 -17.05
N PRO A 326 -14.27 3.38 -16.36
CA PRO A 326 -15.13 2.22 -16.04
C PRO A 326 -15.76 1.63 -17.30
N HIS A 327 -15.98 0.33 -17.24
CA HIS A 327 -16.61 -0.41 -18.33
C HIS A 327 -17.97 -0.92 -17.86
N GLY A 328 -18.99 -0.77 -18.71
CA GLY A 328 -20.29 -1.29 -18.41
C GLY A 328 -21.28 -0.23 -17.93
N PRO A 329 -22.51 -0.66 -17.63
CA PRO A 329 -23.57 0.30 -17.29
C PRO A 329 -23.52 0.80 -15.86
N ASP A 330 -22.68 0.23 -14.99
CA ASP A 330 -22.62 0.68 -13.61
C ASP A 330 -21.85 1.99 -13.44
N GLY A 331 -21.26 2.52 -14.49
CA GLY A 331 -20.55 3.79 -14.37
C GLY A 331 -19.41 3.69 -13.40
N LEU A 332 -19.29 4.70 -12.54
CA LEU A 332 -18.22 4.72 -11.55
C LEU A 332 -18.29 3.53 -10.60
N LEU A 333 -19.46 2.91 -10.45
CA LEU A 333 -19.62 1.79 -9.54
C LEU A 333 -19.31 0.46 -10.19
N SER A 334 -18.76 0.47 -11.39
CA SER A 334 -18.46 -0.78 -12.08
C SER A 334 -17.27 -1.49 -11.43
N LYS A 335 -17.31 -2.82 -11.50
CA LYS A 335 -16.19 -3.63 -11.08
C LYS A 335 -15.28 -4.01 -12.25
N SER A 336 -15.50 -3.44 -13.43
CA SER A 336 -14.64 -3.67 -14.58
C SER A 336 -14.12 -2.35 -15.10
N VAL A 337 -12.91 -2.39 -15.67
CA VAL A 337 -12.22 -1.17 -16.06
C VAL A 337 -11.59 -1.37 -17.44
N GLN A 338 -11.56 -0.30 -18.24
CA GLN A 338 -10.95 -0.30 -19.56
C GLN A 338 -9.69 0.55 -19.56
N LEU A 339 -8.67 0.08 -20.28
CA LEU A 339 -7.45 0.82 -20.52
C LEU A 339 -7.50 1.31 -21.96
N ASN A 340 -7.60 2.62 -22.16
CA ASN A 340 -7.64 3.17 -23.51
C ASN A 340 -8.74 2.48 -24.34
N GLY A 341 -9.89 2.24 -23.71
CA GLY A 341 -11.04 1.68 -24.38
C GLY A 341 -11.09 0.17 -24.50
N GLN A 342 -10.19 -0.57 -23.87
CA GLN A 342 -10.15 -2.02 -23.93
C GLN A 342 -10.27 -2.58 -22.52
N THR A 343 -11.33 -3.36 -22.27
CA THR A 343 -11.53 -3.95 -20.95
C THR A 343 -10.32 -4.78 -20.54
N LEU A 344 -9.88 -4.63 -19.30
CA LEU A 344 -8.75 -5.40 -18.79
C LEU A 344 -9.25 -6.69 -18.18
N LYS A 345 -8.73 -7.81 -18.67
CA LYS A 345 -9.08 -9.16 -18.22
C LYS A 345 -7.86 -10.04 -18.35
N MET A 346 -7.72 -11.02 -17.46
CA MET A 346 -6.66 -11.99 -17.63
C MET A 346 -6.88 -12.74 -18.95
N VAL A 347 -5.78 -13.07 -19.62
CA VAL A 347 -5.87 -13.84 -20.86
C VAL A 347 -6.26 -15.29 -20.55
N ASP A 348 -5.62 -15.84 -19.53
CA ASP A 348 -6.03 -17.11 -18.92
C ASP A 348 -5.53 -17.07 -17.48
N ASP A 349 -5.67 -18.20 -16.77
CA ASP A 349 -5.36 -18.20 -15.35
C ASP A 349 -3.89 -17.90 -15.06
N GLN A 350 -3.00 -18.00 -16.04
CA GLN A 350 -1.58 -17.78 -15.79
C GLN A 350 -1.00 -16.63 -16.59
N THR A 351 -1.84 -15.81 -17.21
CA THR A 351 -1.38 -14.82 -18.18
C THR A 351 -2.08 -13.49 -17.98
N LEU A 352 -1.31 -12.47 -17.58
CA LEU A 352 -1.85 -11.11 -17.54
C LEU A 352 -1.95 -10.55 -18.96
N PRO A 353 -2.87 -9.63 -19.22
CA PRO A 353 -3.01 -9.08 -20.56
C PRO A 353 -1.93 -8.06 -20.85
N PRO A 354 -1.67 -7.78 -22.13
CA PRO A 354 -0.78 -6.67 -22.45
C PRO A 354 -1.42 -5.38 -22.03
N LEU A 355 -0.60 -4.46 -21.53
CA LEU A 355 -1.06 -3.14 -21.10
C LEU A 355 -0.46 -2.15 -22.09
N LYS A 356 -1.15 -1.99 -23.24
CA LYS A 356 -0.64 -1.27 -24.41
C LYS A 356 -0.90 0.22 -24.26
N PRO A 357 0.10 1.07 -24.45
CA PRO A 357 -0.15 2.51 -24.40
C PRO A 357 -0.84 2.99 -25.67
N LYS A 358 -1.51 4.13 -25.56
CA LYS A 358 -2.00 4.84 -26.73
C LYS A 358 -1.07 6.03 -26.99
N PRO A 359 -0.26 5.99 -28.04
CA PRO A 359 0.60 7.14 -28.35
C PRO A 359 -0.24 8.34 -28.75
N LEU A 360 0.12 9.51 -28.20
CA LEU A 360 -0.57 10.75 -28.50
C LEU A 360 0.24 11.55 -29.52
N ARG A 361 -0.44 12.43 -30.24
CA ARG A 361 0.24 13.31 -31.17
C ARG A 361 1.12 14.28 -30.40
N PRO A 362 2.41 14.38 -30.71
CA PRO A 362 3.28 15.32 -29.98
C PRO A 362 2.72 16.73 -30.02
N GLY A 363 2.74 17.38 -28.86
CA GLY A 363 2.21 18.71 -28.72
C GLY A 363 0.74 18.80 -28.38
N SER A 364 0.01 17.69 -28.44
CA SER A 364 -1.40 17.72 -28.06
C SER A 364 -1.54 17.84 -26.54
N SER A 365 -2.58 18.56 -26.12
CA SER A 365 -2.90 18.62 -24.70
C SER A 365 -3.51 17.29 -24.26
N LEU A 366 -3.28 16.94 -23.00
CA LEU A 366 -3.64 15.62 -22.50
C LEU A 366 -5.08 15.65 -21.99
N GLY A 367 -5.95 14.88 -22.65
CA GLY A 367 -7.36 14.86 -22.31
C GLY A 367 -7.68 13.91 -21.17
N LEU A 368 -8.35 14.44 -20.15
CA LEU A 368 -8.71 13.68 -18.95
C LEU A 368 -10.21 13.81 -18.72
N PRO A 369 -11.00 12.83 -19.12
CA PRO A 369 -12.46 12.95 -18.99
C PRO A 369 -12.91 13.13 -17.54
N ALA A 370 -14.17 13.51 -17.38
CA ALA A 370 -14.74 13.68 -16.05
C ALA A 370 -14.60 12.39 -15.25
N PHE A 371 -14.23 12.53 -13.99
CA PHE A 371 -14.14 11.40 -13.06
C PHE A 371 -13.29 10.26 -13.63
N SER A 372 -12.03 10.57 -13.93
CA SER A 372 -11.15 9.57 -14.49
C SER A 372 -9.74 9.78 -13.95
N TYR A 373 -8.87 8.81 -14.20
CA TYR A 373 -7.47 8.97 -13.84
C TYR A 373 -6.62 8.28 -14.90
N ALA A 374 -5.36 8.69 -14.98
CA ALA A 374 -4.54 8.25 -16.10
C ALA A 374 -3.07 8.40 -15.74
N PHE A 375 -2.26 7.60 -16.42
CA PHE A 375 -0.82 7.74 -16.44
C PHE A 375 -0.40 8.22 -17.83
N PHE A 376 0.57 9.12 -17.87
CA PHE A 376 1.14 9.60 -19.12
C PHE A 376 2.66 9.49 -19.03
N VAL A 377 3.26 8.73 -19.94
CA VAL A 377 4.71 8.57 -19.97
C VAL A 377 5.26 9.51 -21.03
N ILE A 378 6.12 10.43 -20.59
CA ILE A 378 6.74 11.45 -21.46
C ILE A 378 8.05 10.88 -21.96
N ARG A 379 8.09 10.48 -23.23
CA ARG A 379 9.22 9.75 -23.77
C ARG A 379 10.34 10.69 -24.22
N ASN A 380 11.58 10.22 -24.03
CA ASN A 380 12.76 11.00 -24.39
C ASN A 380 12.80 12.32 -23.64
N ALA A 381 12.21 12.35 -22.44
CA ALA A 381 12.24 13.57 -21.63
C ALA A 381 13.65 13.95 -21.23
N LYS A 382 14.58 12.98 -21.25
CA LYS A 382 16.00 13.25 -21.02
C LYS A 382 16.24 14.04 -19.73
N VAL A 383 15.41 13.80 -18.72
CA VAL A 383 15.56 14.52 -17.45
C VAL A 383 16.83 14.03 -16.76
N PRO A 384 17.81 14.91 -16.51
CA PRO A 384 19.06 14.45 -15.89
C PRO A 384 18.84 13.84 -14.51
N ALA A 385 17.91 14.38 -13.72
CA ALA A 385 17.63 13.83 -12.40
C ALA A 385 17.15 12.39 -12.45
N CYS A 386 16.61 11.96 -13.60
CA CYS A 386 16.13 10.59 -13.76
C CYS A 386 17.19 9.65 -14.30
N ILE A 387 18.21 10.19 -14.98
CA ILE A 387 19.29 9.38 -15.55
C ILE A 387 20.24 8.96 -14.43
N GLN B 19 -10.30 28.31 -19.34
CA GLN B 19 -11.37 27.44 -19.83
C GLN B 19 -11.28 26.05 -19.21
N ASP B 20 -11.07 25.04 -20.04
CA ASP B 20 -10.84 23.68 -19.59
C ASP B 20 -9.43 23.20 -19.88
N VAL B 21 -8.55 24.11 -20.34
CA VAL B 21 -7.15 23.80 -20.57
C VAL B 21 -6.35 24.25 -19.37
N VAL B 22 -5.56 23.33 -18.82
CA VAL B 22 -4.79 23.57 -17.60
C VAL B 22 -3.31 23.47 -17.94
N ASP B 23 -2.56 24.52 -17.64
CA ASP B 23 -1.10 24.46 -17.74
C ASP B 23 -0.52 23.80 -16.49
N LEU B 24 0.54 23.02 -16.69
CA LEU B 24 1.23 22.36 -15.61
C LEU B 24 2.62 22.95 -15.45
N ASP B 25 3.06 23.06 -14.19
CA ASP B 25 4.44 23.34 -13.85
C ASP B 25 5.08 22.07 -13.32
N PHE B 26 6.29 21.75 -13.81
CA PHE B 26 7.06 20.61 -13.33
C PHE B 26 8.29 21.10 -12.58
N PHE B 27 8.66 20.37 -11.53
CA PHE B 27 9.95 20.52 -10.87
C PHE B 27 10.71 19.21 -11.05
N THR B 28 11.78 19.24 -11.85
CA THR B 28 12.51 18.03 -12.19
C THR B 28 14.01 18.17 -11.93
N GLN B 29 14.44 19.24 -11.26
CA GLN B 29 15.87 19.46 -11.02
C GLN B 29 16.50 18.27 -10.30
N GLU B 30 15.93 17.89 -9.17
CA GLU B 30 16.38 16.72 -8.42
C GLU B 30 15.18 16.15 -7.68
N PRO B 31 15.23 14.89 -7.25
CA PRO B 31 14.06 14.27 -6.63
C PRO B 31 13.75 14.86 -5.26
N LEU B 32 12.46 14.96 -4.95
CA LEU B 32 12.07 15.36 -3.61
C LEU B 32 12.28 14.22 -2.62
N HIS B 33 12.03 12.99 -3.08
CA HIS B 33 12.18 11.79 -2.26
C HIS B 33 12.50 10.63 -3.17
N LEU B 34 13.04 9.57 -2.56
CA LEU B 34 13.16 8.26 -3.18
C LEU B 34 12.26 7.29 -2.42
N VAL B 35 11.30 6.68 -3.11
CA VAL B 35 10.50 5.61 -2.51
C VAL B 35 11.16 4.25 -2.76
N SER B 36 10.71 3.24 -2.02
CA SER B 36 11.25 1.90 -2.21
C SER B 36 10.83 1.35 -3.58
N PRO B 37 11.61 0.46 -4.18
CA PRO B 37 11.07 -0.27 -5.34
C PRO B 37 9.80 -1.03 -4.99
N SER B 38 9.60 -1.35 -3.70
CA SER B 38 8.39 -1.98 -3.19
C SER B 38 7.37 -0.96 -2.67
N PHE B 39 7.43 0.27 -3.16
CA PHE B 39 6.53 1.34 -2.68
C PHE B 39 5.09 0.86 -2.62
N LEU B 40 4.57 0.29 -3.70
CA LEU B 40 3.19 -0.21 -3.72
C LEU B 40 3.28 -1.66 -3.25
N SER B 41 2.91 -1.87 -2.00
CA SER B 41 2.95 -3.18 -1.35
C SER B 41 1.51 -3.57 -0.96
N VAL B 42 1.32 -4.75 -0.36
CA VAL B 42 -0.02 -5.26 -0.14
C VAL B 42 -0.05 -6.07 1.16
N THR B 43 -1.26 -6.29 1.68
CA THR B 43 -1.44 -7.09 2.88
C THR B 43 -2.36 -8.28 2.61
N ILE B 44 -2.25 -9.27 3.49
CA ILE B 44 -3.30 -10.26 3.68
C ILE B 44 -3.70 -10.22 5.15
N ASP B 45 -4.99 -10.09 5.42
CA ASP B 45 -5.42 -9.90 6.80
C ASP B 45 -5.23 -11.20 7.58
N ALA B 46 -4.74 -11.05 8.82
CA ALA B 46 -4.45 -12.23 9.64
C ALA B 46 -5.66 -13.13 9.79
N ASN B 47 -6.86 -12.54 9.74
CA ASN B 47 -8.06 -13.35 9.88
C ASN B 47 -8.19 -14.40 8.79
N LEU B 48 -7.54 -14.21 7.64
CA LEU B 48 -7.67 -15.19 6.58
C LEU B 48 -7.14 -16.56 7.02
N ALA B 49 -6.19 -16.58 7.96
CA ALA B 49 -5.65 -17.85 8.43
C ALA B 49 -6.67 -18.65 9.23
N THR B 50 -7.81 -18.08 9.59
CA THR B 50 -8.86 -18.85 10.24
C THR B 50 -9.84 -19.47 9.24
N ASP B 51 -9.75 -19.11 7.96
CA ASP B 51 -10.54 -19.75 6.92
C ASP B 51 -10.02 -21.17 6.72
N PRO B 52 -10.87 -22.19 6.88
CA PRO B 52 -10.37 -23.56 6.73
C PRO B 52 -9.78 -23.86 5.36
N ARG B 53 -10.09 -23.05 4.33
CA ARG B 53 -9.57 -23.23 2.99
C ARG B 53 -8.22 -22.55 2.77
N PHE B 54 -7.63 -21.97 3.83
CA PHE B 54 -6.46 -21.10 3.68
C PHE B 54 -5.40 -21.70 2.75
N LEU B 55 -4.98 -22.95 3.00
CA LEU B 55 -3.94 -23.55 2.17
CA LEU B 55 -3.94 -23.54 2.16
C LEU B 55 -4.39 -23.67 0.71
N ILE B 56 -5.65 -24.04 0.49
CA ILE B 56 -6.14 -24.22 -0.88
C ILE B 56 -6.24 -22.88 -1.60
N LEU B 57 -6.76 -21.85 -0.92
CA LEU B 57 -6.95 -20.55 -1.54
C LEU B 57 -5.61 -19.96 -2.00
N LEU B 58 -4.61 -19.99 -1.13
CA LEU B 58 -3.32 -19.43 -1.49
C LEU B 58 -2.58 -20.25 -2.54
N GLY B 59 -3.07 -21.45 -2.86
CA GLY B 59 -2.51 -22.23 -3.94
C GLY B 59 -3.03 -21.90 -5.32
N SER B 60 -4.01 -21.00 -5.43
CA SER B 60 -4.65 -20.73 -6.72
C SER B 60 -3.63 -20.27 -7.76
N PRO B 61 -3.55 -20.91 -8.93
CA PRO B 61 -2.68 -20.39 -9.99
C PRO B 61 -3.04 -18.97 -10.41
N LYS B 62 -4.33 -18.65 -10.47
CA LYS B 62 -4.76 -17.30 -10.83
C LYS B 62 -4.25 -16.28 -9.83
N LEU B 63 -4.33 -16.62 -8.54
CA LEU B 63 -3.90 -15.69 -7.51
C LEU B 63 -2.38 -15.49 -7.56
N ARG B 64 -1.62 -16.57 -7.80
N ARG B 64 -1.63 -16.56 -7.84
CA ARG B 64 -0.18 -16.42 -7.92
CA ARG B 64 -0.18 -16.41 -7.90
C ARG B 64 0.18 -15.52 -9.09
C ARG B 64 0.24 -15.60 -9.12
N THR B 65 -0.51 -15.70 -10.22
CA THR B 65 -0.25 -14.87 -11.39
C THR B 65 -0.50 -13.39 -11.07
N LEU B 66 -1.62 -13.10 -10.41
CA LEU B 66 -1.94 -11.72 -10.07
C LEU B 66 -0.93 -11.14 -9.09
N ALA B 67 -0.52 -11.92 -8.09
CA ALA B 67 0.46 -11.45 -7.12
C ALA B 67 1.78 -11.12 -7.78
N ARG B 68 2.23 -11.98 -8.70
CA ARG B 68 3.52 -11.77 -9.37
C ARG B 68 3.53 -10.45 -10.14
N GLY B 69 2.39 -10.04 -10.68
CA GLY B 69 2.30 -8.73 -11.34
C GLY B 69 2.71 -7.57 -10.45
N LEU B 70 2.59 -7.71 -9.13
CA LEU B 70 2.90 -6.62 -8.22
C LEU B 70 4.31 -6.72 -7.63
N SER B 71 5.11 -7.71 -8.03
CA SER B 71 6.49 -7.79 -7.58
C SER B 71 7.34 -6.70 -8.25
N PRO B 72 8.30 -6.11 -7.51
CA PRO B 72 8.64 -6.31 -6.10
C PRO B 72 7.68 -5.63 -5.15
N ALA B 73 7.36 -6.32 -4.05
CA ALA B 73 6.46 -5.79 -3.06
C ALA B 73 6.62 -6.57 -1.78
N TYR B 74 6.35 -5.89 -0.67
CA TYR B 74 6.14 -6.60 0.59
C TYR B 74 4.74 -7.17 0.63
N LEU B 75 4.60 -8.32 1.29
CA LEU B 75 3.33 -8.93 1.63
C LEU B 75 3.25 -8.98 3.14
N ARG B 76 2.44 -8.13 3.74
CA ARG B 76 2.32 -8.10 5.19
C ARG B 76 1.15 -8.97 5.62
N PHE B 77 1.42 -9.94 6.48
CA PHE B 77 0.38 -10.79 7.04
C PHE B 77 0.08 -10.29 8.45
N GLY B 78 -1.06 -9.60 8.61
CA GLY B 78 -1.37 -9.00 9.89
C GLY B 78 -2.75 -8.39 9.87
N GLY B 79 -3.17 -7.90 11.03
CA GLY B 79 -4.47 -7.29 11.21
C GLY B 79 -4.88 -7.46 12.65
N THR B 80 -6.16 -7.22 12.91
CA THR B 80 -6.64 -7.33 14.29
C THR B 80 -6.32 -8.70 14.87
N LYS B 81 -6.51 -9.77 14.08
CA LYS B 81 -6.29 -11.12 14.59
C LYS B 81 -4.81 -11.43 14.86
N THR B 82 -3.89 -10.58 14.43
CA THR B 82 -2.48 -10.70 14.79
C THR B 82 -2.32 -10.96 16.28
N ASP B 83 -3.11 -10.28 17.10
CA ASP B 83 -2.97 -10.39 18.55
C ASP B 83 -3.96 -11.38 19.14
N PHE B 84 -4.52 -12.26 18.30
CA PHE B 84 -5.38 -13.35 18.73
C PHE B 84 -5.05 -14.66 18.02
N LEU B 85 -3.87 -14.78 17.43
CA LEU B 85 -3.43 -16.02 16.80
C LEU B 85 -2.23 -16.58 17.56
N ILE B 86 -2.21 -17.90 17.70
CA ILE B 86 -1.16 -18.60 18.42
C ILE B 86 -0.59 -19.68 17.49
N PHE B 87 0.74 -19.76 17.43
CA PHE B 87 1.39 -20.84 16.70
C PHE B 87 1.25 -22.14 17.47
N ASP B 88 0.77 -23.19 16.80
CA ASP B 88 0.67 -24.53 17.41
C ASP B 88 1.54 -25.47 16.61
N PRO B 89 2.76 -25.79 17.08
CA PRO B 89 3.66 -26.62 16.28
C PRO B 89 3.25 -28.08 16.20
N LYS B 90 2.23 -28.51 16.96
CA LYS B 90 1.73 -29.88 16.88
C LYS B 90 0.54 -30.03 15.95
N LYS B 91 -0.04 -28.93 15.49
CA LYS B 91 -1.23 -28.97 14.67
C LYS B 91 -0.92 -29.53 13.29
N GLU B 92 -1.81 -30.38 12.79
CA GLU B 92 -1.63 -30.94 11.46
C GLU B 92 -1.85 -29.88 10.37
C1 XY6 C . -12.11 -7.32 6.69
C2 XY6 C . -12.69 -8.79 6.57
C3 XY6 C . -11.72 -9.85 7.31
C4 XY6 C . -11.20 -9.28 8.70
C5 XY6 C . -10.67 -7.86 8.46
O5 XY6 C . -11.69 -6.99 8.01
O4 XY6 C . -12.24 -9.08 9.66
O2 XY6 C . -13.94 -8.77 7.10
O24 XY6 C . -15.28 -7.53 5.52
O25 XY6 C . -15.22 -9.91 5.36
O26 XY6 C . -16.46 -8.81 7.10
O3 XY6 C . -10.69 -10.19 6.44
O29 XY6 C . -11.68 -11.88 4.92
O30 XY6 C . -9.32 -11.64 4.97
O31 XY6 C . -10.52 -12.56 6.87
S23 XY6 C . -15.33 -8.78 6.22
S28 XY6 C . -10.51 -11.69 5.73
O1 XY6 C . -10.98 -7.28 5.89
C1 XY6 C . -12.93 -10.26 10.11
C2 XY6 C . -13.45 -10.10 11.60
C3 XY6 C . -14.40 -11.26 11.92
C4 XY6 C . -15.56 -11.32 10.90
C5 XY6 C . -14.95 -11.40 9.50
O5 XY6 C . -13.97 -10.44 9.20
O4 XY6 C . -16.34 -12.46 11.13
O2 XY6 C . -12.39 -10.21 12.49
O24 XY6 C . -12.27 -7.93 13.59
O25 XY6 C . -10.89 -9.71 14.32
O26 XY6 C . -10.49 -8.74 12.19
O3 XY6 C . -14.92 -11.09 13.21
O29 XY6 C . -16.19 -12.16 15.02
O30 XY6 C . -13.96 -11.53 15.49
O31 XY6 C . -14.37 -13.34 14.04
S23 XY6 C . -11.47 -9.03 13.19
S28 XY6 C . -14.86 -12.10 14.52
C2 XY9 C . -17.96 -14.08 10.34
C5 XY9 C . -18.60 -12.12 12.37
C1 XY9 C . -17.52 -12.58 10.38
C3 XY9 C . -18.41 -14.59 11.75
C4 XY9 C . -19.18 -13.53 12.62
O5 XY9 C . -18.48 -11.82 11.01
O2 XY9 C . -19.04 -14.19 9.45
O34 XY9 C . -19.27 -12.88 7.38
O35 XY9 C . -20.27 -15.00 7.43
O36 XY9 C . -17.91 -14.84 7.33
O3 XY9 C . -17.25 -14.88 12.46
O39 XY9 C . -15.00 -15.27 11.62
O40 XY9 C . -15.69 -16.51 13.50
O41 XY9 C . -16.57 -16.98 11.28
O4 XY9 C . -20.55 -13.55 12.37
O44 XY9 C . -21.36 -15.50 13.65
O45 XY9 C . -21.05 -15.70 11.30
O46 XY9 C . -22.86 -14.42 12.17
S33 XY9 C . -19.12 -14.24 7.80
S38 XY9 C . -16.06 -16.03 12.21
S43 XY9 C . -21.52 -14.86 12.37
C1 XY6 D . -3.64 16.48 30.40
C2 XY6 D . -4.83 16.31 29.38
C3 XY6 D . -5.17 14.74 29.14
C4 XY6 D . -3.84 13.84 29.16
C5 XY6 D . -2.96 14.30 30.33
O5 XY6 D . -2.57 15.62 30.16
O4 XY6 D . -4.14 12.49 29.47
O2 XY6 D . -5.92 16.98 29.93
O24 XY6 D . -8.06 17.24 31.16
O25 XY6 D . -6.78 15.25 31.50
O26 XY6 D . -6.12 17.35 32.45
O3 XY6 D . -5.76 14.62 27.90
O29 XY6 D . -5.89 14.15 25.46
O30 XY6 D . -5.11 16.31 26.26
O31 XY6 D . -3.74 14.40 26.43
S23 XY6 D . -6.75 16.67 31.36
S28 XY6 D . -5.08 14.88 26.38
O1 XY6 D . -3.08 17.73 30.14
C1 XY6 D . -3.03 11.60 29.55
C2 XY6 D . -3.41 10.29 30.38
C3 XY6 D . -3.88 9.08 29.52
C4 XY6 D . -3.18 9.03 28.15
C5 XY6 D . -3.35 10.39 27.53
O5 XY6 D . -2.62 11.37 28.21
O4 XY6 D . -1.81 8.76 28.36
O2 XY6 D . -2.29 9.85 31.07
O24 XY6 D . -0.01 10.96 30.94
O25 XY6 D . -0.69 9.77 32.88
O26 XY6 D . -1.72 11.84 32.38
O3 XY6 D . -5.24 9.25 29.28
O29 XY6 D . -6.65 7.35 28.54
O30 XY6 D . -7.64 9.17 29.69
O31 XY6 D . -6.21 7.65 30.85
S23 XY6 D . -1.08 10.69 31.84
S28 XY6 D . -6.52 8.29 29.61
C2 XY9 D . 0.16 7.30 28.27
C5 XY9 D . -1.46 6.99 30.61
C1 XY9 D . -1.41 7.41 28.30
C3 XY9 D . 0.87 7.08 29.65
C4 XY9 D . -0.02 6.51 30.78
O5 XY9 D . -1.99 6.70 29.36
O2 XY9 D . 0.45 6.23 27.46
O34 XY9 D . 0.37 6.99 25.20
O35 XY9 D . 2.47 6.82 26.26
O36 XY9 D . 1.30 4.85 25.61
O3 XY9 D . 1.31 8.32 30.09
O39 XY9 D . 3.56 8.12 29.21
O40 XY9 D . 3.33 8.56 31.52
O41 XY9 D . 2.80 10.28 29.86
O4 XY9 D . 0.07 5.12 30.83
O44 XY9 D . 0.77 2.88 31.65
O45 XY9 D . 2.18 4.79 32.02
O46 XY9 D . 0.15 4.56 33.21
S33 XY9 D . 1.20 6.20 26.06
S38 XY9 D . 2.87 8.89 30.22
S43 XY9 D . 0.84 4.27 31.98
C ACT E . -10.84 -2.84 8.80
O ACT E . -11.26 -2.04 9.66
OXT ACT E . -11.31 -3.10 7.67
CH3 ACT E . -9.59 -3.64 9.20
H1 ACT E . -9.08 -3.14 9.85
H2 ACT E . -9.04 -3.80 8.41
H3 ACT E . -9.86 -4.49 9.58
S SO4 F . -15.65 -12.57 -2.01
O1 SO4 F . -14.30 -12.04 -1.98
O2 SO4 F . -16.57 -11.49 -2.40
O3 SO4 F . -15.99 -13.07 -0.68
O4 SO4 F . -15.73 -13.66 -2.99
S SO4 G . 17.94 5.32 15.08
O1 SO4 G . 17.82 6.04 16.36
O2 SO4 G . 17.47 6.18 14.00
O3 SO4 G . 17.12 4.11 15.13
O4 SO4 G . 19.33 4.95 14.86
N NH4 H . 4.67 5.38 27.96
S SO4 I . 0.81 -21.18 -20.98
O1 SO4 I . 0.99 -20.03 -21.87
O2 SO4 I . -0.56 -21.68 -21.10
O3 SO4 I . 1.06 -20.79 -19.59
O4 SO4 I . 1.74 -22.25 -21.35
S SO4 J . -18.96 1.10 -22.00
O1 SO4 J . -20.06 1.88 -21.42
O2 SO4 J . -18.79 1.49 -23.41
O3 SO4 J . -17.72 1.38 -21.28
O4 SO4 J . -19.26 -0.33 -21.93
S SO4 K . -17.03 20.87 -11.78
O1 SO4 K . -16.47 21.22 -13.09
O2 SO4 K . -18.44 21.26 -11.74
O3 SO4 K . -16.31 21.60 -10.73
O4 SO4 K . -16.91 19.44 -11.56
#